data_7B5W
#
_entry.id   7B5W
#
_cell.length_a   46.260
_cell.length_b   40.410
_cell.length_c   41.010
_cell.angle_alpha   90.000
_cell.angle_beta   103.210
_cell.angle_gamma   90.000
#
_symmetry.space_group_name_H-M   'C 1 2 1'
#
loop_
_entity.id
_entity.type
_entity.pdbx_description
1 polymer 'GntR family transcriptional regulator'
2 water water
#
_entity_poly.entity_id   1
_entity_poly.type   'polypeptide(L)'
_entity_poly.pdbx_seq_one_letter_code
;MAHHHHHHSAALEVLFQGPLAPYEIIVSEDSEHLGKSIGELNVWHQTGATIVAIEHEGKFIVSPGPFSVIEQGDHIFFVG
DEDVYARMKTYFNLRMGL
;
_entity_poly.pdbx_strand_id   A
#
# COMPACT_ATOMS: atom_id res chain seq x y z
N ALA A 2 -3.50 -6.49 -18.81
CA ALA A 2 -4.94 -6.29 -18.90
C ALA A 2 -5.66 -7.64 -18.85
N HIS A 3 -6.97 -7.59 -18.63
CA HIS A 3 -7.75 -8.79 -18.42
C HIS A 3 -8.42 -9.23 -19.70
N HIS A 4 -8.21 -10.49 -20.01
CA HIS A 4 -8.71 -11.02 -21.28
C HIS A 4 -10.24 -10.98 -21.29
N HIS A 5 -10.80 -10.55 -22.42
CA HIS A 5 -12.24 -10.42 -22.63
C HIS A 5 -12.89 -9.32 -21.80
N HIS A 6 -12.10 -8.43 -21.21
CA HIS A 6 -12.57 -7.16 -20.67
C HIS A 6 -12.12 -6.07 -21.61
N HIS A 7 -12.82 -4.94 -21.59
CA HIS A 7 -12.57 -3.96 -22.63
C HIS A 7 -11.14 -3.42 -22.56
N HIS A 8 -10.56 -3.22 -23.74
CA HIS A 8 -9.22 -2.69 -23.91
C HIS A 8 -9.30 -1.39 -24.74
N SER A 9 -8.40 -0.45 -24.46
CA SER A 9 -8.17 0.70 -25.33
C SER A 9 -6.81 1.28 -25.00
N ALA A 10 -6.26 2.07 -25.93
CA ALA A 10 -4.98 2.70 -25.67
C ALA A 10 -5.07 3.59 -24.44
N ALA A 11 -6.15 4.38 -24.34
CA ALA A 11 -6.35 5.27 -23.21
C ALA A 11 -6.39 4.50 -21.89
N LEU A 12 -7.14 3.38 -21.83
CA LEU A 12 -7.20 2.59 -20.61
C LEU A 12 -5.82 2.09 -20.25
N GLU A 13 -5.09 1.59 -21.24
CA GLU A 13 -3.74 1.07 -20.99
C GLU A 13 -2.85 2.16 -20.41
N VAL A 14 -2.95 3.39 -20.94
CA VAL A 14 -2.16 4.49 -20.40
C VAL A 14 -2.40 4.65 -18.90
N LEU A 15 -3.67 4.61 -18.49
CA LEU A 15 -4.02 4.78 -17.08
C LEU A 15 -3.49 3.61 -16.26
N PHE A 16 -3.71 2.40 -16.76
CA PHE A 16 -3.32 1.21 -16.01
C PHE A 16 -1.82 1.24 -15.78
N GLN A 17 -1.07 1.58 -16.83
CA GLN A 17 0.37 1.53 -16.79
C GLN A 17 1.00 2.77 -16.17
N GLY A 18 0.28 3.89 -16.11
CA GLY A 18 0.83 5.15 -15.70
C GLY A 18 0.44 5.52 -14.29
N PRO A 19 -0.63 6.32 -14.16
CA PRO A 19 -1.01 6.78 -12.83
C PRO A 19 -1.46 5.68 -11.88
N LEU A 20 -1.93 4.53 -12.40
CA LEU A 20 -2.31 3.41 -11.54
C LEU A 20 -1.20 2.43 -11.28
N ALA A 21 0.01 2.64 -11.80
CA ALA A 21 1.08 1.69 -11.52
C ALA A 21 1.28 1.65 -10.02
N PRO A 22 1.31 0.48 -9.39
CA PRO A 22 1.49 0.44 -7.92
C PRO A 22 2.87 0.90 -7.49
N TYR A 23 2.88 1.52 -6.30
CA TYR A 23 4.07 1.69 -5.51
C TYR A 23 4.16 0.54 -4.51
N GLU A 24 5.33 0.37 -3.93
CA GLU A 24 5.59 -0.68 -2.95
C GLU A 24 6.61 -0.22 -1.92
N ILE A 25 6.52 -0.69 -0.67
CA ILE A 25 7.44 -0.26 0.43
C ILE A 25 7.54 -1.46 1.37
N ILE A 26 8.74 -1.93 1.72
CA ILE A 26 8.95 -3.08 2.65
C ILE A 26 8.88 -2.39 4.02
N VAL A 27 7.87 -2.70 4.85
CA VAL A 27 7.69 -2.13 6.22
C VAL A 27 8.91 -2.57 7.04
N SER A 28 9.49 -1.69 7.87
CA SER A 28 10.69 -2.04 8.61
C SER A 28 10.40 -3.15 9.61
N GLU A 29 11.42 -3.97 9.86
CA GLU A 29 11.26 -5.08 10.80
C GLU A 29 11.13 -4.59 12.24
N ASP A 30 11.50 -3.35 12.51
CA ASP A 30 11.44 -2.83 13.90
C ASP A 30 10.36 -1.76 14.04
N SER A 31 9.36 -1.71 13.17
CA SER A 31 8.27 -0.76 13.33
C SER A 31 7.33 -1.28 14.42
N GLU A 32 7.18 -0.51 15.50
CA GLU A 32 6.56 -1.02 16.72
C GLU A 32 5.08 -0.67 16.90
N HIS A 33 4.50 0.15 16.02
CA HIS A 33 3.13 0.61 16.19
C HIS A 33 2.14 -0.13 15.30
N LEU A 34 2.41 -1.38 14.94
CA LEU A 34 1.63 -2.12 13.96
C LEU A 34 0.98 -3.33 14.63
N GLY A 35 0.66 -4.35 13.85
CA GLY A 35 -0.14 -5.44 14.37
C GLY A 35 -1.57 -4.96 14.54
N LYS A 36 -2.04 -4.10 13.62
CA LYS A 36 -3.33 -3.43 13.66
C LYS A 36 -3.87 -3.37 12.24
N SER A 37 -5.19 -3.33 12.12
CA SER A 37 -5.82 -3.43 10.81
C SER A 37 -5.62 -2.14 10.01
N ILE A 38 -5.66 -2.29 8.67
CA ILE A 38 -5.64 -1.15 7.77
C ILE A 38 -6.72 -0.17 8.17
N GLY A 39 -7.92 -0.66 8.52
CA GLY A 39 -8.99 0.21 8.98
C GLY A 39 -8.60 1.02 10.20
N GLU A 40 -8.08 0.34 11.21
CA GLU A 40 -7.67 1.03 12.43
CA GLU A 40 -7.67 1.02 12.43
C GLU A 40 -6.56 2.03 12.16
N LEU A 41 -5.67 1.74 11.22
CA LEU A 41 -4.55 2.60 10.93
C LEU A 41 -4.93 3.82 10.08
N ASN A 42 -6.18 3.90 9.57
CA ASN A 42 -6.64 5.11 8.86
C ASN A 42 -5.67 5.48 7.74
N VAL A 43 -5.35 4.49 6.90
CA VAL A 43 -4.22 4.67 6.00
C VAL A 43 -4.47 5.79 5.02
N TRP A 44 -5.67 5.82 4.39
CA TRP A 44 -5.95 6.88 3.41
C TRP A 44 -5.94 8.24 4.06
N HIS A 45 -6.58 8.36 5.23
CA HIS A 45 -6.54 9.61 5.95
C HIS A 45 -5.11 10.08 6.21
N GLN A 46 -4.24 9.17 6.69
CA GLN A 46 -2.87 9.52 7.08
C GLN A 46 -1.98 9.86 5.89
N THR A 47 -2.13 9.14 4.77
CA THR A 47 -1.15 9.17 3.71
C THR A 47 -1.70 9.50 2.34
N GLY A 48 -3.02 9.29 2.11
CA GLY A 48 -3.60 9.37 0.78
C GLY A 48 -3.54 8.08 -0.01
N ALA A 49 -2.97 7.01 0.53
CA ALA A 49 -2.76 5.76 -0.18
C ALA A 49 -3.96 4.84 -0.11
N THR A 50 -4.11 4.02 -1.14
CA THR A 50 -5.01 2.85 -1.13
C THR A 50 -4.16 1.60 -1.29
N ILE A 51 -4.17 0.75 -0.28
CA ILE A 51 -3.39 -0.49 -0.29
C ILE A 51 -4.07 -1.51 -1.19
N VAL A 52 -3.33 -2.03 -2.16
CA VAL A 52 -3.86 -3.00 -3.12
C VAL A 52 -3.36 -4.42 -2.90
N ALA A 53 -2.27 -4.60 -2.17
CA ALA A 53 -1.75 -5.94 -1.90
C ALA A 53 -0.77 -5.89 -0.74
N ILE A 54 -0.59 -7.04 -0.08
CA ILE A 54 0.40 -7.25 0.98
C ILE A 54 1.10 -8.59 0.70
N GLU A 55 2.42 -8.62 0.84
CA GLU A 55 3.16 -9.87 0.98
C GLU A 55 3.51 -10.03 2.46
N HIS A 56 3.10 -11.16 3.04
CA HIS A 56 3.31 -11.44 4.46
C HIS A 56 3.95 -12.84 4.51
N GLU A 57 5.20 -12.88 4.99
CA GLU A 57 5.95 -14.13 5.17
C GLU A 57 5.92 -15.00 3.92
N GLY A 58 6.08 -14.37 2.77
CA GLY A 58 6.20 -15.08 1.51
C GLY A 58 4.90 -15.31 0.79
N LYS A 59 3.78 -14.83 1.34
CA LYS A 59 2.47 -15.00 0.73
C LYS A 59 1.97 -13.64 0.27
N PHE A 60 1.65 -13.53 -1.03
CA PHE A 60 1.19 -12.30 -1.64
C PHE A 60 -0.32 -12.36 -1.73
N ILE A 61 -0.96 -11.33 -1.19
CA ILE A 61 -2.40 -11.23 -1.01
C ILE A 61 -2.86 -9.99 -1.77
N VAL A 62 -3.69 -10.17 -2.79
CA VAL A 62 -4.32 -9.08 -3.51
C VAL A 62 -5.58 -8.67 -2.76
N SER A 63 -5.86 -7.37 -2.73
CA SER A 63 -7.06 -6.84 -2.09
C SER A 63 -7.18 -7.31 -0.64
N PRO A 64 -6.21 -6.93 0.21
CA PRO A 64 -6.27 -7.33 1.63
C PRO A 64 -7.44 -6.75 2.40
N GLY A 65 -7.91 -5.57 1.99
CA GLY A 65 -9.06 -4.95 2.59
C GLY A 65 -8.82 -4.37 3.97
N PRO A 66 -9.86 -3.73 4.48
CA PRO A 66 -9.73 -2.97 5.73
C PRO A 66 -9.46 -3.78 6.96
N PHE A 67 -9.75 -5.08 6.94
CA PHE A 67 -9.59 -5.92 8.12
C PHE A 67 -8.26 -6.63 8.17
N SER A 68 -7.45 -6.52 7.12
CA SER A 68 -6.10 -7.09 7.18
C SER A 68 -5.23 -6.29 8.13
N VAL A 69 -4.30 -6.99 8.79
CA VAL A 69 -3.35 -6.43 9.72
C VAL A 69 -2.05 -6.19 8.97
N ILE A 70 -1.39 -5.14 9.34
CA ILE A 70 -0.03 -4.85 8.88
CA ILE A 70 -0.05 -4.86 8.88
C ILE A 70 0.92 -5.20 10.01
N GLU A 71 1.91 -6.02 9.72
CA GLU A 71 2.93 -6.40 10.69
C GLU A 71 4.28 -5.93 10.20
N GLN A 72 5.18 -5.66 11.15
CA GLN A 72 6.57 -5.38 10.78
C GLN A 72 7.09 -6.41 9.79
N GLY A 73 7.83 -5.90 8.80
CA GLY A 73 8.39 -6.72 7.75
C GLY A 73 7.49 -6.95 6.55
N ASP A 74 6.20 -6.64 6.64
CA ASP A 74 5.31 -6.86 5.51
C ASP A 74 5.68 -5.97 4.33
N HIS A 75 5.43 -6.46 3.13
CA HIS A 75 5.63 -5.67 1.91
C HIS A 75 4.28 -5.14 1.46
N ILE A 76 4.11 -3.83 1.45
CA ILE A 76 2.82 -3.17 1.12
C ILE A 76 2.88 -2.64 -0.31
N PHE A 77 1.83 -2.87 -1.09
CA PHE A 77 1.65 -2.33 -2.45
C PHE A 77 0.47 -1.38 -2.44
N PHE A 78 0.59 -0.21 -3.07
CA PHE A 78 -0.45 0.81 -2.97
C PHE A 78 -0.49 1.74 -4.16
N VAL A 79 -1.65 2.33 -4.40
N VAL A 79 -1.64 2.38 -4.34
CA VAL A 79 -1.76 3.35 -5.40
CA VAL A 79 -1.85 3.39 -5.37
C VAL A 79 -1.71 4.72 -4.73
C VAL A 79 -1.88 4.78 -4.77
N GLY A 80 -1.34 5.72 -5.52
CA GLY A 80 -1.18 7.07 -5.02
C GLY A 80 -0.38 7.87 -6.01
N ASP A 81 0.40 8.82 -5.50
CA ASP A 81 1.39 9.55 -6.29
C ASP A 81 2.66 9.63 -5.45
N GLU A 82 3.68 10.35 -5.93
CA GLU A 82 4.96 10.33 -5.22
C GLU A 82 4.85 10.92 -3.82
N ASP A 83 3.99 11.91 -3.64
CA ASP A 83 3.78 12.45 -2.30
C ASP A 83 3.13 11.41 -1.37
N VAL A 84 2.19 10.60 -1.88
CA VAL A 84 1.67 9.51 -1.09
C VAL A 84 2.77 8.57 -0.68
N TYR A 85 3.69 8.26 -1.60
CA TYR A 85 4.81 7.40 -1.24
C TYR A 85 5.58 8.00 -0.05
N ALA A 86 5.92 9.27 -0.14
CA ALA A 86 6.66 9.92 0.93
C ALA A 86 5.92 9.80 2.26
N ARG A 87 4.59 9.99 2.25
CA ARG A 87 3.83 9.89 3.49
C ARG A 87 3.78 8.46 4.01
N MET A 88 3.67 7.50 3.09
CA MET A 88 3.72 6.09 3.49
C MET A 88 5.06 5.74 4.13
N LYS A 89 6.16 6.26 3.57
CA LYS A 89 7.48 5.99 4.13
C LYS A 89 7.58 6.53 5.55
N THR A 90 7.07 7.73 5.77
N THR A 90 7.11 7.75 5.79
CA THR A 90 7.11 8.34 7.10
CA THR A 90 7.17 8.30 7.15
C THR A 90 6.19 7.59 8.05
C THR A 90 6.17 7.62 8.09
N TYR A 91 5.00 7.18 7.57
CA TYR A 91 4.01 6.57 8.45
C TYR A 91 4.42 5.15 8.85
N PHE A 92 4.91 4.34 7.92
CA PHE A 92 5.18 2.93 8.24
C PHE A 92 6.57 2.68 8.84
N ASN A 93 7.57 3.49 8.49
CA ASN A 93 8.97 3.18 8.78
C ASN A 93 9.67 4.27 9.58
N LEU A 94 9.80 5.45 9.02
CA LEU A 94 10.72 6.47 9.58
C LEU A 94 10.28 7.02 10.93
N ARG A 95 9.01 7.44 10.99
CA ARG A 95 8.23 7.99 12.14
C ARG A 95 8.66 9.44 12.49
N MET A 96 7.74 10.43 12.44
CA MET A 96 8.06 11.80 12.86
C MET A 96 8.33 11.86 14.35
N GLY A 97 9.27 12.69 14.73
CA GLY A 97 9.74 12.71 16.09
C GLY A 97 10.78 11.65 16.30
N LEU A 98 11.09 11.44 17.58
CA LEU A 98 12.03 10.41 17.98
C LEU A 98 11.28 9.08 18.03
#